data_5VVI
#
_entry.id   5VVI
#
_cell.length_a   58.417
_cell.length_b   101.985
_cell.length_c   112.707
_cell.angle_alpha   90.00
_cell.angle_beta   98.14
_cell.angle_gamma   90.00
#
_symmetry.space_group_name_H-M   'C 1 2 1'
#
loop_
_entity.id
_entity.type
_entity.pdbx_description
1 polymer 'Octopine catabolism/uptake operon regulatory protein OccR'
2 non-polymer octopine
3 non-polymer 1,2-ETHANEDIOL
4 non-polymer 'CHLORIDE ION'
5 non-polymer 'ACETIC ACID'
6 water water
#
_entity_poly.entity_id   1
_entity_poly.type   'polypeptide(L)'
_entity_poly.pdbx_seq_one_letter_code
;SNATLRIAA(MSE)PALANGLLPRFLAQFIRDRPNLQVSL(MSE)GLPSS(MSE)V(MSE)EAVASGRADIGYADGPQER
QGFLIETRSLPAVVAVP(MSE)GHRLAGLDRVTPQDLAGERIIKQETGTLFA(MSE)RVEVAIGGIQRRPSIEVSLSHTA
LSLVREGAGIAIIDPAAAIEFTDRIVLRPFSIFIDAEFLEVRSAIGAPSTIVDRFTTEFWRFHDDL(MSE)KQNGL
(MSE)E
;
_entity_poly.pdbx_strand_id   A,B,C
#
# COMPACT_ATOMS: atom_id res chain seq x y z
N ALA A 3 -30.86 -2.70 42.49
CA ALA A 3 -30.54 -2.10 41.19
C ALA A 3 -29.03 -2.03 40.96
N THR A 4 -28.58 -2.51 39.80
CA THR A 4 -27.15 -2.52 39.46
C THR A 4 -26.87 -2.09 38.02
N LEU A 5 -25.97 -1.13 37.86
CA LEU A 5 -25.64 -0.68 36.53
C LEU A 5 -24.14 -0.79 36.30
N ARG A 6 -23.78 -1.43 35.18
N ARG A 6 -23.77 -1.47 35.23
CA ARG A 6 -22.40 -1.77 34.86
CA ARG A 6 -22.34 -1.64 34.93
C ARG A 6 -21.99 -1.14 33.51
C ARG A 6 -22.02 -1.09 33.56
N ILE A 7 -21.06 -0.18 33.54
CA ILE A 7 -20.67 0.53 32.33
C ILE A 7 -19.18 0.32 32.06
N ALA A 8 -18.84 0.17 30.78
CA ALA A 8 -17.44 0.05 30.36
C ALA A 8 -17.18 1.05 29.26
N ALA A 9 -16.10 1.82 29.37
CA ALA A 9 -15.82 2.82 28.37
C ALA A 9 -14.33 3.07 28.22
N PRO A 11 -11.01 5.45 28.06
CA PRO A 11 -10.62 6.57 28.91
C PRO A 11 -11.06 7.92 28.37
N ALA A 12 -11.12 8.11 27.07
CA ALA A 12 -11.54 9.41 26.54
C ALA A 12 -12.85 9.88 27.21
N LEU A 13 -13.78 8.96 27.43
CA LEU A 13 -15.04 9.28 28.09
C LEU A 13 -15.05 8.90 29.58
N ALA A 14 -14.37 7.81 29.95
CA ALA A 14 -14.41 7.35 31.33
C ALA A 14 -13.65 8.27 32.28
N ASN A 15 -12.67 9.01 31.76
CA ASN A 15 -11.93 9.94 32.58
C ASN A 15 -12.83 11.10 33.00
N GLY A 16 -13.50 11.74 32.05
CA GLY A 16 -14.16 13.00 32.34
C GLY A 16 -15.68 13.08 32.13
N LEU A 17 -16.14 12.90 30.88
CA LEU A 17 -17.55 13.07 30.54
C LEU A 17 -18.51 12.12 31.26
N LEU A 18 -18.23 10.83 31.19
CA LEU A 18 -19.10 9.85 31.81
C LEU A 18 -19.23 9.99 33.35
N PRO A 19 -18.12 10.26 34.06
CA PRO A 19 -18.40 10.42 35.49
C PRO A 19 -19.12 11.73 35.82
N ARG A 20 -18.95 12.75 34.98
CA ARG A 20 -19.72 13.97 35.16
C ARG A 20 -21.18 13.62 35.03
N PHE A 21 -21.51 12.86 34.00
CA PHE A 21 -22.89 12.44 33.81
C PHE A 21 -23.35 11.52 34.92
N LEU A 22 -22.53 10.51 35.26
CA LEU A 22 -22.90 9.56 36.29
C LEU A 22 -23.27 10.28 37.58
N ALA A 23 -22.54 11.34 37.91
CA ALA A 23 -22.79 12.03 39.16
C ALA A 23 -24.15 12.73 39.13
N GLN A 24 -24.63 13.04 37.94
CA GLN A 24 -25.95 13.65 37.80
C GLN A 24 -27.05 12.56 37.87
N PHE A 25 -26.84 11.50 37.10
CA PHE A 25 -27.67 10.32 37.08
C PHE A 25 -27.95 9.75 38.47
N ILE A 26 -26.92 9.59 39.30
CA ILE A 26 -27.15 8.97 40.59
C ILE A 26 -27.50 9.89 41.73
N ARG A 27 -27.40 11.21 41.57
CA ARG A 27 -27.47 12.11 42.73
C ARG A 27 -28.68 11.81 43.61
N ASP A 28 -29.74 11.32 42.97
CA ASP A 28 -30.95 10.99 43.68
C ASP A 28 -31.35 9.51 43.54
N ARG A 29 -30.36 8.64 43.34
CA ARG A 29 -30.57 7.20 43.33
C ARG A 29 -29.60 6.56 44.31
N PRO A 30 -29.90 6.69 45.59
CA PRO A 30 -28.95 6.27 46.63
C PRO A 30 -28.82 4.77 46.72
N ASN A 31 -29.75 4.04 46.12
CA ASN A 31 -29.71 2.59 46.17
C ASN A 31 -29.36 1.96 44.84
N LEU A 32 -28.81 2.76 43.95
CA LEU A 32 -28.36 2.24 42.68
C LEU A 32 -26.86 1.95 42.77
N GLN A 33 -26.52 0.67 42.67
CA GLN A 33 -25.14 0.23 42.64
C GLN A 33 -24.62 0.36 41.21
N VAL A 34 -23.57 1.17 41.03
CA VAL A 34 -23.03 1.46 39.72
C VAL A 34 -21.54 1.14 39.59
N SER A 35 -21.12 0.68 38.42
CA SER A 35 -19.70 0.57 38.14
C SER A 35 -19.41 1.15 36.76
N LEU A 36 -18.23 1.77 36.66
CA LEU A 36 -17.80 2.54 35.50
C LEU A 36 -16.31 2.24 35.27
N GLY A 38 -12.91 1.93 33.07
CA GLY A 38 -12.19 2.44 31.93
C GLY A 38 -11.35 1.32 31.36
N LEU A 39 -11.59 0.98 30.10
CA LEU A 39 -10.89 -0.09 29.38
C LEU A 39 -10.52 0.39 27.99
N PRO A 40 -9.51 -0.23 27.35
CA PRO A 40 -9.39 -0.03 25.90
C PRO A 40 -10.66 -0.48 25.19
N SER A 41 -10.96 0.20 24.08
CA SER A 41 -12.19 -0.04 23.33
C SER A 41 -12.36 -1.52 22.95
N SER A 42 -11.25 -2.17 22.60
CA SER A 42 -11.31 -3.57 22.24
C SER A 42 -11.86 -4.38 23.43
N VAL A 44 -13.61 -3.06 25.82
CA VAL A 44 -14.98 -2.60 26.05
C VAL A 44 -15.99 -3.54 25.36
N GLU A 46 -15.46 -6.79 24.39
CA GLU A 46 -15.41 -8.08 25.08
C GLU A 46 -16.19 -8.05 26.39
N ALA A 47 -16.23 -6.90 27.06
CA ALA A 47 -16.99 -6.76 28.29
C ALA A 47 -18.50 -6.83 28.02
N VAL A 48 -18.94 -6.13 26.98
CA VAL A 48 -20.36 -6.10 26.66
C VAL A 48 -20.80 -7.49 26.15
N ALA A 49 -19.97 -8.15 25.36
CA ALA A 49 -20.35 -9.45 24.80
C ALA A 49 -20.42 -10.55 25.88
N SER A 50 -19.48 -10.55 26.80
CA SER A 50 -19.45 -11.56 27.86
C SER A 50 -20.44 -11.27 28.99
N GLY A 51 -21.13 -10.13 28.92
CA GLY A 51 -22.12 -9.80 29.92
C GLY A 51 -21.53 -9.14 31.16
N ARG A 52 -20.21 -8.95 31.17
CA ARG A 52 -19.57 -8.28 32.29
C ARG A 52 -19.90 -6.80 32.35
N ALA A 53 -20.47 -6.24 31.29
CA ALA A 53 -20.95 -4.86 31.27
C ALA A 53 -22.28 -4.72 30.52
N ASP A 54 -23.22 -3.97 31.09
CA ASP A 54 -24.52 -3.68 30.46
C ASP A 54 -24.40 -2.71 29.29
N ILE A 55 -23.53 -1.71 29.45
CA ILE A 55 -23.32 -0.68 28.43
C ILE A 55 -21.85 -0.44 28.17
N GLY A 56 -21.50 -0.24 26.91
CA GLY A 56 -20.15 0.04 26.53
C GLY A 56 -20.08 1.29 25.69
N TYR A 57 -19.01 2.06 25.90
CA TYR A 57 -18.68 3.18 25.04
C TYR A 57 -17.29 2.97 24.46
N ALA A 58 -17.19 2.95 23.14
CA ALA A 58 -15.94 2.59 22.49
C ALA A 58 -15.68 3.46 21.27
N ASP A 59 -14.42 3.60 20.90
CA ASP A 59 -14.07 4.28 19.67
C ASP A 59 -14.61 3.51 18.49
N GLY A 60 -14.85 4.27 17.43
CA GLY A 60 -15.28 3.70 16.18
C GLY A 60 -14.08 3.45 15.30
N PRO A 61 -14.17 2.40 14.47
CA PRO A 61 -15.32 1.52 14.53
C PRO A 61 -14.98 0.19 15.19
N GLN A 62 -16.00 -0.65 15.36
CA GLN A 62 -15.81 -1.95 15.96
C GLN A 62 -16.59 -2.96 15.17
N GLU A 63 -16.32 -4.25 15.42
CA GLU A 63 -17.09 -5.32 14.82
C GLU A 63 -18.46 -5.31 15.43
N ARG A 64 -19.49 -5.12 14.60
CA ARG A 64 -20.83 -4.90 15.12
C ARG A 64 -21.68 -6.15 15.26
N GLN A 65 -21.09 -7.33 15.15
CA GLN A 65 -21.90 -8.55 15.05
C GLN A 65 -22.90 -8.73 16.20
N GLY A 66 -22.43 -9.05 17.40
CA GLY A 66 -23.36 -9.33 18.48
C GLY A 66 -23.81 -8.12 19.28
N PHE A 67 -23.84 -6.95 18.65
CA PHE A 67 -24.13 -5.74 19.38
C PHE A 67 -25.23 -4.86 18.78
N LEU A 68 -25.92 -4.13 19.64
CA LEU A 68 -26.75 -2.98 19.26
C LEU A 68 -25.92 -1.74 19.42
N ILE A 69 -25.87 -0.93 18.36
CA ILE A 69 -24.89 0.14 18.29
C ILE A 69 -25.47 1.50 17.86
N GLU A 70 -25.39 2.46 18.77
CA GLU A 70 -25.73 3.83 18.46
C GLU A 70 -24.45 4.64 18.31
N THR A 71 -24.52 5.71 17.53
CA THR A 71 -23.34 6.40 17.03
C THR A 71 -23.39 7.91 17.31
N ARG A 72 -22.20 8.49 17.51
CA ARG A 72 -22.01 9.92 17.30
C ARG A 72 -20.76 10.16 16.44
N SER A 73 -20.91 10.99 15.41
CA SER A 73 -19.77 11.47 14.64
C SER A 73 -19.66 12.96 14.79
N LEU A 74 -18.49 13.41 15.18
CA LEU A 74 -18.24 14.82 15.36
C LEU A 74 -16.92 15.14 14.70
N PRO A 75 -16.79 16.36 14.18
CA PRO A 75 -15.48 16.75 13.69
C PRO A 75 -14.44 16.76 14.81
N ALA A 76 -13.22 16.32 14.51
CA ALA A 76 -12.10 16.46 15.43
C ALA A 76 -11.74 17.94 15.45
N VAL A 77 -11.19 18.40 16.58
CA VAL A 77 -10.86 19.80 16.73
C VAL A 77 -9.38 19.90 16.89
N VAL A 78 -8.84 21.10 16.73
CA VAL A 78 -7.42 21.29 16.95
C VAL A 78 -7.24 21.85 18.36
N ALA A 79 -6.34 21.26 19.11
CA ALA A 79 -6.05 21.77 20.43
C ALA A 79 -4.64 22.42 20.41
N VAL A 80 -4.56 23.65 20.88
CA VAL A 80 -3.31 24.39 20.85
C VAL A 80 -3.11 25.01 22.23
N PRO A 81 -1.86 25.22 22.64
CA PRO A 81 -1.59 25.82 23.94
C PRO A 81 -2.14 27.24 23.98
N GLY A 83 -2.05 31.00 24.02
CA GLY A 83 -1.07 31.95 23.52
C GLY A 83 -0.39 31.51 22.24
N HIS A 84 -0.69 30.32 21.76
CA HIS A 84 -0.11 29.88 20.50
C HIS A 84 -0.59 30.77 19.35
N ARG A 85 0.31 31.03 18.40
CA ARG A 85 -0.04 31.75 17.17
C ARG A 85 -1.39 31.31 16.54
N LEU A 86 -1.66 30.01 16.59
CA LEU A 86 -2.87 29.50 15.98
C LEU A 86 -4.17 29.83 16.72
N ALA A 87 -4.07 30.17 18.02
CA ALA A 87 -5.26 30.52 18.81
C ALA A 87 -5.94 31.77 18.27
N GLY A 88 -5.20 32.59 17.53
CA GLY A 88 -5.78 33.77 16.92
C GLY A 88 -6.41 33.53 15.56
N LEU A 89 -6.78 32.30 15.24
CA LEU A 89 -7.38 32.01 13.93
C LEU A 89 -8.81 31.51 14.04
N ASP A 90 -9.64 31.82 13.05
CA ASP A 90 -10.99 31.28 12.98
C ASP A 90 -10.96 29.77 12.85
N ARG A 91 -10.06 29.27 12.01
N ARG A 91 -10.02 29.31 12.03
CA ARG A 91 -9.89 27.84 11.86
CA ARG A 91 -9.88 27.90 11.71
C ARG A 91 -8.45 27.51 11.50
C ARG A 91 -8.42 27.52 11.56
N VAL A 92 -8.13 26.23 11.56
CA VAL A 92 -6.79 25.77 11.33
C VAL A 92 -6.81 24.88 10.10
N THR A 93 -5.95 25.16 9.14
CA THR A 93 -5.80 24.32 7.96
C THR A 93 -4.53 23.50 8.06
N PRO A 94 -4.41 22.45 7.22
CA PRO A 94 -3.15 21.68 7.18
C PRO A 94 -1.86 22.53 7.12
N GLN A 95 -1.76 23.49 6.21
CA GLN A 95 -0.51 24.23 6.07
C GLN A 95 -0.20 25.14 7.26
N ASP A 96 -1.23 25.56 8.01
CA ASP A 96 -1.01 26.27 9.28
C ASP A 96 -0.20 25.46 10.28
N LEU A 97 -0.10 24.15 10.05
CA LEU A 97 0.58 23.28 10.99
C LEU A 97 2.04 23.07 10.59
N ALA A 98 2.44 23.60 9.44
CA ALA A 98 3.79 23.39 8.96
C ALA A 98 4.79 23.85 10.01
N GLY A 99 5.78 23.03 10.32
CA GLY A 99 6.79 23.42 11.28
C GLY A 99 6.39 23.19 12.72
N GLU A 100 5.13 22.80 12.97
CA GLU A 100 4.69 22.56 14.34
C GLU A 100 5.03 21.15 14.79
N ARG A 101 5.30 21.00 16.09
CA ARG A 101 5.39 19.67 16.64
C ARG A 101 3.97 19.18 16.90
N ILE A 102 3.62 18.09 16.24
CA ILE A 102 2.27 17.56 16.30
C ILE A 102 2.21 16.35 17.21
N ILE A 103 1.24 16.38 18.11
CA ILE A 103 1.00 15.26 18.97
C ILE A 103 0.01 14.32 18.29
N LYS A 104 0.45 13.11 17.97
CA LYS A 104 -0.36 12.17 17.22
C LYS A 104 -0.92 11.05 18.07
N GLN A 105 -2.09 10.57 17.69
CA GLN A 105 -2.68 9.39 18.29
C GLN A 105 -1.91 8.14 17.82
N GLU A 106 -2.32 6.96 18.23
CA GLU A 106 -1.41 5.85 18.05
C GLU A 106 -1.41 5.33 16.61
N THR A 107 -0.21 5.07 16.13
CA THR A 107 0.07 4.72 14.75
C THR A 107 -0.72 3.50 14.36
N GLY A 108 -1.39 3.57 13.21
CA GLY A 108 -2.20 2.44 12.76
C GLY A 108 -3.67 2.49 13.16
N THR A 109 -4.05 3.34 14.12
CA THR A 109 -5.46 3.47 14.37
C THR A 109 -6.14 4.26 13.26
N LEU A 110 -7.42 4.01 13.06
CA LEU A 110 -8.18 4.67 12.03
C LEU A 110 -8.18 6.19 12.23
N PHE A 111 -8.35 6.64 13.47
CA PHE A 111 -8.33 8.07 13.73
C PHE A 111 -6.96 8.68 13.40
N ALA A 112 -5.89 8.02 13.84
CA ALA A 112 -4.54 8.50 13.58
C ALA A 112 -4.24 8.60 12.07
N ARG A 114 -6.52 8.93 9.65
CA ARG A 114 -7.31 10.05 9.12
C ARG A 114 -6.57 11.36 9.32
N VAL A 115 -6.08 11.61 10.52
CA VAL A 115 -5.26 12.80 10.74
C VAL A 115 -4.08 12.84 9.78
N GLU A 116 -3.28 11.78 9.79
CA GLU A 116 -2.07 11.70 8.99
C GLU A 116 -2.40 11.93 7.51
N VAL A 117 -3.56 11.46 7.04
CA VAL A 117 -3.95 11.71 5.66
C VAL A 117 -4.28 13.20 5.44
N ALA A 118 -5.01 13.82 6.36
CA ALA A 118 -5.34 15.24 6.24
C ALA A 118 -4.13 16.15 6.21
N ILE A 119 -2.99 15.68 6.72
CA ILE A 119 -1.78 16.50 6.72
C ILE A 119 -0.64 15.84 5.92
N GLY A 120 -1.01 15.18 4.83
CA GLY A 120 -0.02 14.49 4.02
C GLY A 120 0.77 15.49 3.21
N GLY A 121 0.24 16.71 3.16
CA GLY A 121 0.83 17.76 2.35
C GLY A 121 1.83 18.64 3.08
N ILE A 122 2.14 18.31 4.35
CA ILE A 122 3.15 19.08 5.08
C ILE A 122 4.40 18.25 5.36
N GLN A 123 5.54 18.92 5.45
CA GLN A 123 6.78 18.27 5.80
C GLN A 123 6.66 17.65 7.18
N ARG A 124 7.05 16.38 7.27
CA ARG A 124 6.94 15.65 8.52
C ARG A 124 8.12 15.97 9.42
N ARG A 125 7.80 16.50 10.60
CA ARG A 125 8.78 16.70 11.66
C ARG A 125 8.63 15.60 12.71
N PRO A 126 9.63 15.47 13.62
CA PRO A 126 9.51 14.51 14.73
C PRO A 126 8.30 14.80 15.63
N SER A 127 7.44 13.80 15.80
CA SER A 127 6.23 14.00 16.59
C SER A 127 6.26 13.26 17.92
N ILE A 128 5.20 13.42 18.71
CA ILE A 128 5.02 12.64 19.91
C ILE A 128 3.79 11.77 19.70
N GLU A 129 3.94 10.47 19.92
CA GLU A 129 2.84 9.56 19.72
C GLU A 129 2.27 9.14 21.09
N VAL A 130 0.96 9.20 21.20
CA VAL A 130 0.28 8.82 22.42
C VAL A 130 -0.91 7.92 22.03
N SER A 131 -1.55 7.29 23.01
CA SER A 131 -2.75 6.52 22.72
C SER A 131 -4.00 7.10 23.42
N LEU A 132 -3.84 7.80 24.54
CA LEU A 132 -4.98 8.41 25.23
C LEU A 132 -5.15 9.85 24.80
N SER A 133 -6.37 10.29 24.49
CA SER A 133 -6.59 11.70 24.18
C SER A 133 -6.15 12.60 25.37
N HIS A 134 -6.33 12.12 26.60
N HIS A 134 -6.32 12.12 26.60
CA HIS A 134 -5.95 12.88 27.78
CA HIS A 134 -5.96 12.92 27.76
C HIS A 134 -4.46 13.19 27.80
C HIS A 134 -4.45 13.17 27.87
N THR A 135 -3.64 12.18 27.47
CA THR A 135 -2.18 12.41 27.37
C THR A 135 -1.83 13.53 26.37
N ALA A 136 -2.44 13.47 25.19
CA ALA A 136 -2.23 14.48 24.17
C ALA A 136 -2.64 15.85 24.66
N LEU A 137 -3.81 15.93 25.30
CA LEU A 137 -4.33 17.20 25.76
C LEU A 137 -3.43 17.75 26.88
N SER A 138 -2.92 16.86 27.76
CA SER A 138 -1.98 17.30 28.79
C SER A 138 -0.68 17.87 28.14
N LEU A 139 -0.20 17.22 27.11
CA LEU A 139 0.99 17.71 26.43
C LEU A 139 0.71 19.06 25.78
N VAL A 140 -0.49 19.25 25.24
CA VAL A 140 -0.79 20.51 24.62
C VAL A 140 -0.74 21.58 25.70
N ARG A 141 -1.37 21.26 26.83
CA ARG A 141 -1.46 22.21 27.92
C ARG A 141 -0.07 22.65 28.38
N GLU A 142 0.91 21.77 28.29
CA GLU A 142 2.26 22.04 28.70
C GLU A 142 3.09 22.76 27.63
N GLY A 143 2.48 23.07 26.49
CA GLY A 143 3.16 23.78 25.43
C GLY A 143 4.06 22.91 24.56
N ALA A 144 3.78 21.61 24.53
CA ALA A 144 4.68 20.65 23.94
C ALA A 144 4.45 20.50 22.45
N GLY A 145 3.26 20.91 22.00
CA GLY A 145 2.91 20.78 20.60
C GLY A 145 1.43 21.01 20.43
N ILE A 146 0.88 20.64 19.28
CA ILE A 146 -0.56 20.77 19.13
C ILE A 146 -1.14 19.39 18.73
N ALA A 147 -2.44 19.21 18.94
CA ALA A 147 -3.04 17.91 18.70
C ALA A 147 -4.34 18.06 17.94
N ILE A 148 -4.62 17.11 17.06
CA ILE A 148 -5.92 17.00 16.46
C ILE A 148 -6.61 15.92 17.25
N ILE A 149 -7.71 16.25 17.95
CA ILE A 149 -8.31 15.28 18.86
C ILE A 149 -9.80 15.26 18.78
N ASP A 150 -10.36 14.20 19.35
CA ASP A 150 -11.79 14.08 19.51
C ASP A 150 -12.24 15.13 20.54
N PRO A 151 -13.34 15.82 20.27
CA PRO A 151 -13.82 16.89 21.15
C PRO A 151 -14.34 16.45 22.53
N ALA A 152 -14.92 15.25 22.62
CA ALA A 152 -15.32 14.66 23.91
C ALA A 152 -14.24 14.81 24.97
N ALA A 153 -13.01 14.42 24.67
CA ALA A 153 -11.94 14.60 25.64
C ALA A 153 -11.57 16.06 25.83
N ALA A 154 -11.57 16.82 24.73
CA ALA A 154 -11.03 18.18 24.77
C ALA A 154 -11.83 19.05 25.73
N ILE A 155 -13.08 18.68 25.95
CA ILE A 155 -14.00 19.53 26.67
C ILE A 155 -13.52 19.74 28.11
N GLU A 156 -12.83 18.75 28.67
CA GLU A 156 -12.38 18.84 30.05
C GLU A 156 -11.19 19.80 30.19
N PHE A 157 -10.69 20.29 29.07
CA PHE A 157 -9.51 21.16 29.09
C PHE A 157 -9.79 22.60 28.62
N THR A 158 -11.03 22.91 28.27
CA THR A 158 -11.29 24.22 27.66
C THR A 158 -10.89 25.42 28.52
N ASP A 159 -10.69 25.21 29.82
CA ASP A 159 -10.27 26.32 30.64
C ASP A 159 -8.75 26.55 30.54
N ARG A 160 -8.02 25.63 29.92
CA ARG A 160 -6.57 25.71 29.91
C ARG A 160 -5.87 25.47 28.58
N ILE A 161 -6.62 25.16 27.51
CA ILE A 161 -6.09 25.17 26.15
C ILE A 161 -7.07 25.89 25.24
N VAL A 162 -6.71 26.09 23.98
CA VAL A 162 -7.60 26.72 23.01
C VAL A 162 -8.03 25.69 21.94
N LEU A 163 -9.34 25.62 21.66
CA LEU A 163 -9.85 24.70 20.67
C LEU A 163 -10.31 25.48 19.44
N ARG A 164 -9.88 25.03 18.27
CA ARG A 164 -10.23 25.65 17.01
C ARG A 164 -10.69 24.58 16.05
N PRO A 165 -11.68 24.89 15.19
CA PRO A 165 -12.11 23.94 14.16
C PRO A 165 -11.01 23.68 13.12
N PHE A 166 -10.95 22.47 12.59
CA PHE A 166 -10.02 22.11 11.50
C PHE A 166 -10.74 22.32 10.19
N SER A 167 -10.03 22.70 9.14
CA SER A 167 -10.64 22.93 7.84
C SER A 167 -11.06 21.61 7.17
N ILE A 168 -10.43 20.51 7.57
CA ILE A 168 -10.76 19.21 7.04
C ILE A 168 -11.57 18.40 8.06
N PHE A 169 -12.66 17.78 7.61
CA PHE A 169 -13.46 16.95 8.49
C PHE A 169 -12.78 15.62 8.80
N ILE A 170 -12.42 15.40 10.05
CA ILE A 170 -11.91 14.11 10.46
C ILE A 170 -12.90 13.46 11.40
N ASP A 171 -13.43 12.30 11.04
CA ASP A 171 -14.50 11.69 11.82
C ASP A 171 -13.96 11.22 13.17
N ALA A 172 -14.52 11.78 14.24
CA ALA A 172 -14.19 11.33 15.59
C ALA A 172 -15.36 10.57 16.15
N GLU A 173 -15.51 9.33 15.73
CA GLU A 173 -16.69 8.56 16.09
C GLU A 173 -16.54 7.72 17.35
N PHE A 174 -17.54 7.73 18.23
CA PHE A 174 -17.62 6.65 19.21
C PHE A 174 -18.98 5.99 19.20
N LEU A 175 -19.05 4.85 19.87
CA LEU A 175 -20.23 4.03 19.85
C LEU A 175 -20.74 3.80 21.26
N GLU A 176 -22.07 3.85 21.40
CA GLU A 176 -22.70 3.27 22.56
C GLU A 176 -23.07 1.85 22.18
N VAL A 177 -22.67 0.90 23.01
CA VAL A 177 -22.72 -0.50 22.65
C VAL A 177 -23.56 -1.31 23.62
N ARG A 178 -24.49 -2.10 23.08
CA ARG A 178 -25.29 -3.00 23.89
C ARG A 178 -25.24 -4.41 23.33
N SER A 179 -25.57 -5.39 24.16
CA SER A 179 -25.69 -6.76 23.69
C SER A 179 -26.93 -6.92 22.81
N ALA A 180 -26.76 -7.64 21.71
CA ALA A 180 -27.88 -7.95 20.82
C ALA A 180 -28.78 -9.00 21.47
N ILE A 181 -28.18 -9.79 22.35
CA ILE A 181 -28.88 -10.78 23.15
C ILE A 181 -29.32 -10.16 24.47
N GLY A 182 -30.60 -10.23 24.79
CA GLY A 182 -31.05 -9.75 26.07
C GLY A 182 -32.51 -9.34 26.11
N ALA A 183 -32.97 -9.02 27.31
CA ALA A 183 -34.33 -8.54 27.50
C ALA A 183 -34.26 -7.04 27.71
N PRO A 184 -35.39 -6.34 27.52
CA PRO A 184 -35.47 -4.91 27.80
C PRO A 184 -34.84 -4.50 29.12
N SER A 185 -34.28 -3.29 29.17
CA SER A 185 -33.74 -2.75 30.40
C SER A 185 -34.11 -1.28 30.56
N THR A 186 -34.99 -1.00 31.53
CA THR A 186 -35.44 0.37 31.79
C THR A 186 -34.28 1.27 32.18
N ILE A 187 -33.48 0.81 33.13
CA ILE A 187 -32.38 1.58 33.64
C ILE A 187 -31.32 1.83 32.55
N VAL A 188 -31.09 0.86 31.68
CA VAL A 188 -30.11 1.03 30.63
C VAL A 188 -30.65 1.99 29.58
N ASP A 189 -31.94 1.89 29.30
CA ASP A 189 -32.53 2.76 28.30
C ASP A 189 -32.48 4.21 28.78
N ARG A 190 -32.59 4.40 30.08
CA ARG A 190 -32.60 5.73 30.67
C ARG A 190 -31.20 6.33 30.64
N PHE A 191 -30.21 5.60 31.14
CA PHE A 191 -28.82 6.06 31.09
C PHE A 191 -28.39 6.52 29.71
N THR A 192 -28.51 5.62 28.75
CA THR A 192 -28.09 5.86 27.38
C THR A 192 -28.76 7.09 26.79
N THR A 193 -30.07 7.16 26.98
CA THR A 193 -30.87 8.25 26.45
C THR A 193 -30.45 9.59 27.02
N GLU A 194 -30.32 9.65 28.33
CA GLU A 194 -29.95 10.88 28.99
C GLU A 194 -28.49 11.20 28.76
N PHE A 195 -27.66 10.18 28.60
CA PHE A 195 -26.26 10.47 28.29
C PHE A 195 -26.18 11.20 26.96
N TRP A 196 -26.97 10.77 25.98
CA TRP A 196 -26.93 11.43 24.68
C TRP A 196 -27.35 12.87 24.80
N ARG A 197 -28.41 13.10 25.58
CA ARG A 197 -28.89 14.44 25.76
C ARG A 197 -27.79 15.27 26.41
N PHE A 198 -27.14 14.70 27.41
CA PHE A 198 -26.08 15.35 28.15
C PHE A 198 -24.85 15.57 27.24
N HIS A 199 -24.49 14.56 26.45
CA HIS A 199 -23.37 14.69 25.54
C HIS A 199 -23.68 15.73 24.48
N ASP A 200 -24.87 15.64 23.89
CA ASP A 200 -25.24 16.57 22.83
C ASP A 200 -25.28 18.01 23.36
N ASP A 201 -25.78 18.21 24.58
CA ASP A 201 -25.84 19.56 25.16
C ASP A 201 -24.46 20.17 25.26
N LEU A 202 -23.54 19.44 25.87
CA LEU A 202 -22.19 19.93 26.08
C LEU A 202 -21.48 20.24 24.77
N LYS A 204 -22.75 20.93 21.76
CA LYS A 204 -23.37 22.08 21.11
C LYS A 204 -23.10 23.39 21.85
N GLN A 205 -23.07 23.36 23.18
CA GLN A 205 -22.86 24.57 23.96
C GLN A 205 -21.40 25.04 23.99
N ASN A 206 -20.50 24.27 23.40
CA ASN A 206 -19.10 24.63 23.35
C ASN A 206 -18.62 24.84 21.91
N GLY A 207 -19.56 24.85 20.98
CA GLY A 207 -19.23 25.08 19.58
C GLY A 207 -18.57 23.91 18.88
N LEU A 208 -18.96 22.70 19.26
CA LEU A 208 -18.30 21.49 18.77
C LEU A 208 -19.25 20.53 18.05
N GLU A 210 -23.23 20.45 15.60
CA GLU A 210 -24.42 21.11 15.07
C GLU A 210 -25.68 20.54 15.71
N ALA B 3 19.28 8.67 -32.27
CA ALA B 3 17.89 8.97 -31.96
C ALA B 3 17.43 8.25 -30.69
N THR B 4 17.55 8.90 -29.54
CA THR B 4 17.42 8.22 -28.24
C THR B 4 16.26 8.69 -27.36
N LEU B 5 15.69 7.78 -26.56
CA LEU B 5 14.61 8.09 -25.62
C LEU B 5 14.73 7.34 -24.28
N ARG B 6 15.01 8.05 -23.19
N ARG B 6 14.98 8.06 -23.20
CA ARG B 6 15.17 7.41 -21.89
CA ARG B 6 15.17 7.45 -21.88
C ARG B 6 13.99 7.67 -20.95
C ARG B 6 13.97 7.67 -20.95
N ILE B 7 13.36 6.59 -20.50
CA ILE B 7 12.19 6.67 -19.64
C ILE B 7 12.47 5.96 -18.29
N ALA B 8 12.10 6.61 -17.20
CA ALA B 8 12.11 5.98 -15.87
C ALA B 8 10.69 5.97 -15.31
N ALA B 9 10.28 4.86 -14.73
CA ALA B 9 8.92 4.78 -14.24
C ALA B 9 8.84 3.81 -13.08
N PRO B 11 7.39 0.62 -11.10
CA PRO B 11 6.98 -0.71 -11.56
C PRO B 11 5.52 -0.84 -11.98
N ALA B 12 4.61 -0.16 -11.28
CA ALA B 12 3.19 -0.27 -11.58
C ALA B 12 2.89 -0.02 -13.06
N LEU B 13 3.60 0.88 -13.73
CA LEU B 13 3.37 0.91 -15.17
C LEU B 13 4.57 0.51 -15.99
N ALA B 14 5.75 0.47 -15.39
CA ALA B 14 6.92 0.00 -16.11
C ALA B 14 6.79 -1.52 -16.31
N ASN B 15 6.07 -2.19 -15.43
CA ASN B 15 5.76 -3.59 -15.64
C ASN B 15 4.76 -3.77 -16.77
N GLY B 16 3.76 -2.88 -16.87
CA GLY B 16 2.57 -3.12 -17.71
C GLY B 16 2.16 -2.15 -18.82
N LEU B 17 1.48 -1.05 -18.47
CA LEU B 17 0.96 -0.10 -19.47
C LEU B 17 2.02 0.41 -20.43
N LEU B 18 3.13 0.91 -19.88
CA LEU B 18 4.19 1.50 -20.67
C LEU B 18 4.80 0.56 -21.74
N PRO B 19 5.19 -0.69 -21.36
CA PRO B 19 5.65 -1.63 -22.40
C PRO B 19 4.65 -1.79 -23.51
N ARG B 20 3.38 -1.96 -23.16
CA ARG B 20 2.30 -2.07 -24.13
C ARG B 20 2.32 -0.89 -25.09
N PHE B 21 2.33 0.31 -24.51
CA PHE B 21 2.37 1.51 -25.34
C PHE B 21 3.67 1.62 -26.10
N LEU B 22 4.77 1.25 -25.44
CA LEU B 22 6.07 1.38 -26.08
C LEU B 22 6.17 0.50 -27.33
N ALA B 23 5.63 -0.71 -27.25
CA ALA B 23 5.65 -1.63 -28.39
C ALA B 23 4.94 -0.99 -29.57
N GLN B 24 3.80 -0.38 -29.27
CA GLN B 24 3.01 0.35 -30.24
C GLN B 24 3.77 1.55 -30.79
N PHE B 25 4.40 2.30 -29.89
CA PHE B 25 5.07 3.54 -30.23
C PHE B 25 6.25 3.32 -31.17
N ILE B 26 6.91 2.17 -31.05
CA ILE B 26 8.11 1.89 -31.85
C ILE B 26 7.81 1.12 -33.13
N ARG B 27 6.55 0.79 -33.37
CA ARG B 27 6.20 0.24 -34.66
C ARG B 27 6.39 1.33 -35.69
N ASP B 28 6.13 2.57 -35.28
CA ASP B 28 6.28 3.72 -36.16
C ASP B 28 7.73 4.20 -36.27
N ARG B 29 8.57 3.76 -35.33
CA ARG B 29 9.94 4.27 -35.24
C ARG B 29 10.98 3.17 -34.91
N PRO B 30 11.15 2.19 -35.82
CA PRO B 30 11.92 0.95 -35.60
C PRO B 30 13.37 1.13 -35.14
N ASN B 31 13.94 2.30 -35.40
CA ASN B 31 15.33 2.54 -35.09
C ASN B 31 15.50 3.54 -33.97
N LEU B 32 14.41 3.82 -33.27
CA LEU B 32 14.48 4.62 -32.08
C LEU B 32 15.19 3.82 -31.01
N GLN B 33 16.35 4.29 -30.58
CA GLN B 33 17.05 3.62 -29.49
C GLN B 33 16.41 4.03 -28.17
N VAL B 34 15.90 3.05 -27.43
CA VAL B 34 14.98 3.28 -26.30
C VAL B 34 15.37 2.61 -24.98
N SER B 35 15.25 3.37 -23.88
CA SER B 35 15.43 2.83 -22.53
C SER B 35 14.22 3.06 -21.65
N LEU B 36 13.84 2.02 -20.92
CA LEU B 36 12.69 2.08 -20.01
C LEU B 36 13.08 1.41 -18.70
N GLY B 38 12.91 0.57 -14.63
CA GLY B 38 11.98 0.38 -13.54
C GLY B 38 12.67 0.74 -12.24
N LEU B 39 12.28 1.87 -11.68
CA LEU B 39 12.88 2.35 -10.45
C LEU B 39 11.79 2.70 -9.45
N PRO B 40 12.11 2.67 -8.16
CA PRO B 40 11.19 3.29 -7.20
C PRO B 40 10.90 4.74 -7.58
N SER B 41 9.72 5.22 -7.20
CA SER B 41 9.27 6.57 -7.52
C SER B 41 10.24 7.65 -7.06
N SER B 42 10.80 7.49 -5.87
CA SER B 42 11.81 8.42 -5.39
C SER B 42 13.01 8.41 -6.35
N VAL B 44 12.90 7.66 -9.33
CA VAL B 44 12.44 8.18 -10.61
C VAL B 44 12.61 9.71 -10.69
N GLU B 46 14.92 11.51 -8.97
CA GLU B 46 16.37 11.71 -9.02
C GLU B 46 16.97 11.32 -10.39
N ALA B 47 16.17 10.70 -11.25
CA ALA B 47 16.66 10.31 -12.58
C ALA B 47 16.31 11.36 -13.64
N VAL B 48 15.10 11.91 -13.55
CA VAL B 48 14.67 12.98 -14.44
C VAL B 48 15.56 14.21 -14.25
N ALA B 49 15.74 14.59 -12.99
CA ALA B 49 16.55 15.73 -12.64
C ALA B 49 18.01 15.53 -13.04
N SER B 50 18.45 14.27 -12.98
CA SER B 50 19.83 13.92 -13.22
C SER B 50 20.21 14.14 -14.66
N GLY B 51 19.20 14.24 -15.51
CA GLY B 51 19.42 14.23 -16.94
C GLY B 51 19.46 12.78 -17.37
N ARG B 52 19.62 11.89 -16.39
CA ARG B 52 19.70 10.45 -16.63
C ARG B 52 18.44 9.87 -17.29
N ALA B 53 17.32 10.57 -17.17
CA ALA B 53 16.08 10.13 -17.80
C ALA B 53 15.32 11.31 -18.41
N ASP B 54 15.02 11.21 -19.71
CA ASP B 54 14.20 12.21 -20.40
C ASP B 54 12.81 12.35 -19.75
N ILE B 55 12.06 11.25 -19.64
CA ILE B 55 10.71 11.28 -19.06
C ILE B 55 10.49 10.29 -17.92
N GLY B 56 9.77 10.74 -16.89
CA GLY B 56 9.50 9.93 -15.73
C GLY B 56 8.01 9.76 -15.47
N TYR B 57 7.68 8.70 -14.76
CA TYR B 57 6.32 8.43 -14.31
C TYR B 57 6.40 7.91 -12.88
N ALA B 58 5.74 8.56 -11.94
CA ALA B 58 6.03 8.25 -10.55
C ALA B 58 4.79 8.24 -9.66
N ASP B 59 4.85 7.43 -8.60
CA ASP B 59 3.80 7.37 -7.58
C ASP B 59 3.71 8.80 -7.02
N GLY B 60 2.51 9.38 -7.07
CA GLY B 60 2.27 10.68 -6.46
C GLY B 60 1.85 10.56 -5.00
N PRO B 61 2.03 11.64 -4.22
CA PRO B 61 2.56 12.93 -4.66
C PRO B 61 4.07 12.96 -4.55
N GLN B 62 4.69 14.02 -5.04
CA GLN B 62 6.13 14.16 -4.97
C GLN B 62 6.50 15.63 -4.78
N GLU B 63 7.75 15.90 -4.43
CA GLU B 63 8.24 17.28 -4.42
C GLU B 63 8.32 17.78 -5.85
N ARG B 64 7.52 18.80 -6.15
CA ARG B 64 7.36 19.25 -7.53
C ARG B 64 8.22 20.45 -7.84
N GLN B 65 9.29 20.64 -7.06
CA GLN B 65 10.09 21.84 -7.20
C GLN B 65 10.63 22.03 -8.62
N GLY B 66 11.60 21.23 -9.03
CA GLY B 66 12.23 21.47 -10.32
C GLY B 66 11.60 20.78 -11.52
N PHE B 67 10.32 20.44 -11.44
CA PHE B 67 9.70 19.58 -12.47
C PHE B 67 8.44 20.12 -13.12
N LEU B 68 8.14 19.62 -14.32
CA LEU B 68 6.87 19.87 -14.99
C LEU B 68 6.03 18.60 -15.02
N ILE B 69 4.75 18.76 -14.73
CA ILE B 69 3.91 17.64 -14.38
C ILE B 69 2.55 17.65 -15.05
N GLU B 70 2.23 16.55 -15.73
CA GLU B 70 0.87 16.21 -16.05
C GLU B 70 0.45 15.09 -15.10
N THR B 71 -0.83 15.05 -14.76
CA THR B 71 -1.32 14.19 -13.70
C THR B 71 -2.51 13.39 -14.18
N ARG B 72 -2.74 12.27 -13.53
CA ARG B 72 -4.01 11.57 -13.61
C ARG B 72 -4.47 11.17 -12.20
N SER B 73 -5.76 11.35 -11.95
CA SER B 73 -6.33 11.03 -10.65
C SER B 73 -7.56 10.14 -10.82
N LEU B 74 -7.33 8.85 -10.67
CA LEU B 74 -8.39 7.89 -10.88
C LEU B 74 -8.73 7.24 -9.58
N PRO B 75 -9.95 6.71 -9.50
CA PRO B 75 -10.26 6.05 -8.24
C PRO B 75 -9.60 4.69 -8.21
N ALA B 76 -9.05 4.31 -7.07
CA ALA B 76 -8.57 2.97 -6.85
C ALA B 76 -9.76 2.04 -7.09
N VAL B 77 -9.48 0.84 -7.58
CA VAL B 77 -10.54 -0.15 -7.77
C VAL B 77 -10.29 -1.37 -6.93
N VAL B 78 -11.33 -2.17 -6.71
CA VAL B 78 -11.17 -3.41 -5.97
C VAL B 78 -10.83 -4.59 -6.90
N ALA B 79 -9.80 -5.32 -6.50
CA ALA B 79 -9.34 -6.51 -7.15
C ALA B 79 -9.68 -7.71 -6.27
N VAL B 80 -10.43 -8.66 -6.84
CA VAL B 80 -10.91 -9.82 -6.12
C VAL B 80 -10.73 -11.06 -6.98
N PRO B 81 -10.52 -12.22 -6.34
CA PRO B 81 -10.29 -13.43 -7.13
C PRO B 81 -11.46 -13.76 -8.03
N GLY B 83 -14.52 -15.42 -9.28
CA GLY B 83 -15.58 -16.20 -8.66
C GLY B 83 -15.83 -15.90 -7.19
N HIS B 84 -15.06 -14.99 -6.63
CA HIS B 84 -15.26 -14.53 -5.26
C HIS B 84 -16.66 -13.90 -5.06
N ARG B 85 -17.17 -13.97 -3.85
CA ARG B 85 -18.42 -13.30 -3.46
C ARG B 85 -18.55 -11.86 -3.96
N LEU B 86 -17.49 -11.09 -3.81
CA LEU B 86 -17.51 -9.67 -4.13
C LEU B 86 -17.58 -9.41 -5.63
N ALA B 87 -17.11 -10.37 -6.42
CA ALA B 87 -17.12 -10.24 -7.87
C ALA B 87 -18.55 -10.15 -8.39
N GLY B 88 -19.52 -10.54 -7.56
CA GLY B 88 -20.92 -10.49 -7.95
C GLY B 88 -21.63 -9.18 -7.65
N LEU B 89 -20.88 -8.20 -7.12
CA LEU B 89 -21.45 -6.91 -6.80
C LEU B 89 -21.18 -5.97 -7.93
N ASP B 90 -22.06 -5.01 -8.14
CA ASP B 90 -21.85 -3.96 -9.13
C ASP B 90 -20.72 -3.06 -8.65
N ARG B 91 -20.79 -2.70 -7.37
CA ARG B 91 -19.88 -1.74 -6.75
C ARG B 91 -19.59 -2.18 -5.32
N VAL B 92 -18.34 -2.15 -4.89
CA VAL B 92 -18.03 -2.63 -3.54
C VAL B 92 -18.02 -1.49 -2.50
N THR B 93 -18.60 -1.75 -1.34
CA THR B 93 -18.57 -0.82 -0.23
C THR B 93 -17.65 -1.31 0.87
N PRO B 94 -17.28 -0.43 1.80
CA PRO B 94 -16.56 -0.91 2.98
C PRO B 94 -17.28 -1.99 3.75
N GLN B 95 -18.60 -1.97 3.91
CA GLN B 95 -19.27 -3.04 4.67
C GLN B 95 -19.04 -4.38 3.99
N ASP B 96 -19.03 -4.33 2.67
CA ASP B 96 -18.82 -5.53 1.86
C ASP B 96 -17.48 -6.20 2.11
N LEU B 97 -16.50 -5.48 2.64
CA LEU B 97 -15.18 -6.08 2.76
C LEU B 97 -15.00 -6.79 4.10
N ALA B 98 -16.00 -6.67 4.98
CA ALA B 98 -15.94 -7.30 6.31
C ALA B 98 -15.63 -8.79 6.23
N GLY B 99 -14.73 -9.25 7.12
CA GLY B 99 -14.33 -10.65 7.12
C GLY B 99 -13.26 -11.08 6.13
N GLU B 100 -13.01 -10.27 5.09
CA GLU B 100 -12.01 -10.63 4.08
C GLU B 100 -10.61 -10.28 4.51
N ARG B 101 -9.62 -11.07 4.09
CA ARG B 101 -8.25 -10.64 4.25
C ARG B 101 -7.88 -9.62 3.19
N ILE B 102 -7.35 -8.48 3.63
CA ILE B 102 -7.03 -7.44 2.69
C ILE B 102 -5.54 -7.31 2.48
N ILE B 103 -5.12 -7.21 1.23
CA ILE B 103 -3.72 -7.00 0.96
C ILE B 103 -3.40 -5.52 0.92
N LYS B 104 -2.57 -5.14 1.86
CA LYS B 104 -2.23 -3.77 2.12
C LYS B 104 -0.99 -3.33 1.35
N GLN B 105 -0.95 -2.06 0.99
CA GLN B 105 0.27 -1.54 0.41
C GLN B 105 1.16 -1.00 1.52
N GLU B 106 2.28 -0.40 1.15
CA GLU B 106 3.30 -0.13 2.12
C GLU B 106 2.92 0.89 3.18
N THR B 107 3.12 0.49 4.42
CA THR B 107 2.96 1.32 5.60
C THR B 107 3.64 2.69 5.47
N GLY B 108 2.87 3.75 5.68
CA GLY B 108 3.44 5.08 5.70
C GLY B 108 3.09 5.91 4.48
N THR B 109 3.02 5.27 3.32
CA THR B 109 2.74 5.95 2.07
C THR B 109 1.34 6.53 2.09
N LEU B 110 1.15 7.65 1.42
CA LEU B 110 -0.14 8.31 1.44
C LEU B 110 -1.24 7.38 0.89
N PHE B 111 -0.96 6.78 -0.27
CA PHE B 111 -1.96 5.96 -0.96
C PHE B 111 -2.43 4.82 -0.08
N ALA B 112 -1.47 4.14 0.54
CA ALA B 112 -1.80 3.02 1.39
C ALA B 112 -2.68 3.49 2.52
N ARG B 114 -4.72 6.13 2.58
CA ARG B 114 -6.06 6.47 2.09
C ARG B 114 -6.94 5.24 1.93
N VAL B 115 -6.33 4.17 1.39
CA VAL B 115 -7.00 2.91 1.20
C VAL B 115 -7.47 2.41 2.56
N GLU B 116 -6.55 2.45 3.52
CA GLU B 116 -6.81 1.96 4.85
C GLU B 116 -7.90 2.74 5.58
N VAL B 117 -7.93 4.05 5.40
CA VAL B 117 -8.98 4.85 6.02
C VAL B 117 -10.34 4.60 5.34
N ALA B 118 -10.38 4.64 4.01
CA ALA B 118 -11.62 4.40 3.29
C ALA B 118 -12.20 3.04 3.62
N ILE B 119 -11.36 2.09 4.00
CA ILE B 119 -11.86 0.77 4.36
C ILE B 119 -12.44 0.72 5.77
N GLY B 120 -11.88 1.49 6.68
CA GLY B 120 -12.29 1.46 8.08
C GLY B 120 -12.06 0.09 8.69
N GLY B 121 -12.96 -0.32 9.59
CA GLY B 121 -12.98 -1.69 10.12
C GLY B 121 -11.88 -2.08 11.10
N SER B 127 -3.03 -9.46 8.09
CA SER B 127 -2.93 -8.92 6.74
C SER B 127 -1.54 -9.07 6.12
N ILE B 128 -1.51 -8.99 4.79
CA ILE B 128 -0.29 -9.05 4.01
C ILE B 128 0.10 -7.66 3.51
N GLU B 129 1.32 -7.22 3.83
CA GLU B 129 1.85 -5.96 3.35
C GLU B 129 2.79 -6.17 2.14
N VAL B 130 2.56 -5.40 1.08
CA VAL B 130 3.45 -5.42 -0.09
C VAL B 130 3.79 -4.00 -0.48
N SER B 131 4.78 -3.81 -1.35
CA SER B 131 5.03 -2.47 -1.89
C SER B 131 4.61 -2.35 -3.36
N LEU B 132 4.70 -3.41 -4.16
CA LEU B 132 4.33 -3.26 -5.58
C LEU B 132 2.89 -3.66 -5.79
N SER B 133 2.21 -2.92 -6.66
CA SER B 133 0.87 -3.25 -7.06
C SER B 133 0.78 -4.65 -7.63
N HIS B 134 1.80 -5.04 -8.40
N HIS B 134 1.79 -5.06 -8.39
CA HIS B 134 1.83 -6.34 -9.08
CA HIS B 134 1.71 -6.34 -9.08
C HIS B 134 1.82 -7.49 -8.07
C HIS B 134 1.88 -7.52 -8.10
N THR B 135 2.54 -7.30 -6.97
CA THR B 135 2.64 -8.33 -5.94
C THR B 135 1.26 -8.54 -5.37
N ALA B 136 0.62 -7.42 -5.05
CA ALA B 136 -0.73 -7.40 -4.55
C ALA B 136 -1.65 -8.17 -5.46
N LEU B 137 -1.63 -7.82 -6.75
CA LEU B 137 -2.49 -8.48 -7.73
C LEU B 137 -2.16 -9.97 -7.84
N SER B 138 -0.89 -10.35 -7.78
CA SER B 138 -0.55 -11.77 -7.77
C SER B 138 -1.22 -12.44 -6.58
N LEU B 139 -1.10 -11.82 -5.40
CA LEU B 139 -1.71 -12.41 -4.21
C LEU B 139 -3.23 -12.59 -4.40
N VAL B 140 -3.89 -11.61 -5.00
CA VAL B 140 -5.32 -11.72 -5.26
C VAL B 140 -5.61 -12.87 -6.25
N ARG B 141 -4.74 -13.07 -7.24
CA ARG B 141 -4.99 -14.12 -8.22
C ARG B 141 -4.90 -15.47 -7.53
N GLU B 142 -3.95 -15.58 -6.61
CA GLU B 142 -3.74 -16.83 -5.91
C GLU B 142 -4.77 -16.97 -4.80
N GLY B 143 -5.53 -15.90 -4.56
CA GLY B 143 -6.60 -15.99 -3.58
C GLY B 143 -6.13 -15.87 -2.14
N ALA B 144 -5.01 -15.20 -1.89
CA ALA B 144 -4.62 -14.94 -0.53
C ALA B 144 -5.44 -13.79 0.07
N GLY B 145 -6.22 -13.08 -0.74
CA GLY B 145 -6.89 -11.89 -0.25
C GLY B 145 -7.42 -10.95 -1.33
N ILE B 146 -7.82 -9.76 -0.90
CA ILE B 146 -8.25 -8.81 -1.89
C ILE B 146 -7.51 -7.51 -1.70
N ALA B 147 -7.41 -6.75 -2.78
CA ALA B 147 -6.65 -5.53 -2.79
C ALA B 147 -7.44 -4.40 -3.38
N ILE B 148 -7.13 -3.20 -2.91
CA ILE B 148 -7.67 -2.01 -3.53
C ILE B 148 -6.46 -1.38 -4.17
N ILE B 149 -6.52 -1.15 -5.48
CA ILE B 149 -5.26 -0.92 -6.18
C ILE B 149 -5.40 0.11 -7.29
N ASP B 150 -4.31 0.71 -7.74
CA ASP B 150 -4.42 1.69 -8.83
C ASP B 150 -4.83 1.01 -10.15
N PRO B 151 -5.81 1.59 -10.86
CA PRO B 151 -6.34 1.06 -12.12
C PRO B 151 -5.30 0.88 -13.18
N ALA B 152 -4.22 1.65 -13.16
CA ALA B 152 -3.18 1.49 -14.18
C ALA B 152 -2.56 0.10 -14.09
N ALA B 153 -2.10 -0.27 -12.90
CA ALA B 153 -1.57 -1.60 -12.66
C ALA B 153 -2.66 -2.70 -12.74
N ALA B 154 -3.86 -2.45 -12.24
CA ALA B 154 -4.91 -3.48 -12.19
C ALA B 154 -5.37 -3.99 -13.56
N ILE B 155 -5.37 -3.10 -14.55
CA ILE B 155 -5.98 -3.39 -15.85
C ILE B 155 -5.25 -4.52 -16.57
N GLU B 156 -4.02 -4.79 -16.15
CA GLU B 156 -3.16 -5.82 -16.73
C GLU B 156 -3.51 -7.24 -16.26
N PHE B 157 -4.57 -7.35 -15.48
CA PHE B 157 -4.96 -8.63 -14.89
C PHE B 157 -6.44 -8.97 -15.19
N THR B 158 -7.08 -8.18 -16.05
CA THR B 158 -8.54 -8.19 -16.28
C THR B 158 -9.27 -9.55 -16.35
N ASP B 159 -8.66 -10.54 -16.97
CA ASP B 159 -9.35 -11.82 -17.08
C ASP B 159 -8.77 -12.91 -16.18
N ARG B 160 -7.94 -12.53 -15.22
CA ARG B 160 -7.40 -13.49 -14.26
C ARG B 160 -7.96 -13.20 -12.87
N ILE B 161 -8.29 -11.93 -12.66
CA ILE B 161 -8.96 -11.42 -11.47
C ILE B 161 -10.10 -10.54 -11.90
N VAL B 162 -10.89 -10.11 -10.93
CA VAL B 162 -12.06 -9.30 -11.21
C VAL B 162 -11.88 -7.91 -10.61
N LEU B 163 -12.11 -6.89 -11.40
CA LEU B 163 -11.97 -5.52 -10.89
C LEU B 163 -13.35 -4.93 -10.66
N ARG B 164 -13.57 -4.33 -9.51
CA ARG B 164 -14.87 -3.75 -9.21
C ARG B 164 -14.71 -2.36 -8.65
N PRO B 165 -15.58 -1.44 -9.08
CA PRO B 165 -15.45 -0.09 -8.53
C PRO B 165 -15.74 -0.09 -7.02
N PHE B 166 -15.16 0.87 -6.33
CA PHE B 166 -15.29 1.07 -4.88
C PHE B 166 -16.25 2.26 -4.60
N SER B 167 -17.06 2.16 -3.57
CA SER B 167 -18.04 3.20 -3.30
C SER B 167 -17.37 4.43 -2.72
N ILE B 168 -16.12 4.30 -2.33
CA ILE B 168 -15.39 5.48 -1.87
C ILE B 168 -14.29 5.79 -2.86
N PHE B 169 -14.13 7.08 -3.14
CA PHE B 169 -13.12 7.53 -4.06
C PHE B 169 -11.77 7.63 -3.36
N ILE B 170 -10.82 6.83 -3.84
CA ILE B 170 -9.47 6.81 -3.33
C ILE B 170 -8.54 7.22 -4.46
N ASP B 171 -7.92 8.37 -4.30
CA ASP B 171 -7.07 8.96 -5.32
C ASP B 171 -5.90 8.04 -5.69
N ALA B 172 -5.84 7.59 -6.94
CA ALA B 172 -4.69 6.81 -7.43
C ALA B 172 -3.89 7.65 -8.41
N GLU B 173 -3.11 8.56 -7.84
CA GLU B 173 -2.43 9.62 -8.58
C GLU B 173 -1.02 9.24 -9.01
N PHE B 174 -0.75 9.26 -10.32
CA PHE B 174 0.62 9.19 -10.79
C PHE B 174 0.97 10.35 -11.72
N LEU B 175 2.24 10.74 -11.73
CA LEU B 175 2.68 11.92 -12.43
C LEU B 175 3.52 11.59 -13.67
N GLU B 176 3.33 12.39 -14.71
CA GLU B 176 4.28 12.40 -15.82
C GLU B 176 5.24 13.56 -15.61
N VAL B 177 6.50 13.22 -15.37
CA VAL B 177 7.48 14.19 -14.90
C VAL B 177 8.56 14.48 -15.93
N ARG B 178 8.82 15.77 -16.15
CA ARG B 178 9.91 16.20 -17.00
C ARG B 178 10.65 17.34 -16.30
N SER B 179 11.93 17.49 -16.59
CA SER B 179 12.66 18.64 -16.06
C SER B 179 12.35 19.89 -16.86
N ALA B 180 12.24 21.01 -16.15
CA ALA B 180 11.96 22.30 -16.79
C ALA B 180 13.23 22.97 -17.30
N ILE B 181 14.39 22.43 -16.93
CA ILE B 181 15.66 22.93 -17.46
C ILE B 181 16.05 22.02 -18.63
N GLY B 182 15.11 21.17 -19.00
CA GLY B 182 15.31 20.25 -20.10
C GLY B 182 15.19 20.88 -21.47
N ALA B 183 16.15 20.58 -22.34
CA ALA B 183 16.06 20.96 -23.74
C ALA B 183 14.84 20.29 -24.35
N PRO B 184 14.01 21.07 -25.08
CA PRO B 184 12.80 20.54 -25.72
C PRO B 184 13.11 19.38 -26.67
N SER B 185 12.34 18.30 -26.54
CA SER B 185 12.55 17.09 -27.34
C SER B 185 11.28 16.74 -28.10
N THR B 186 11.39 16.62 -29.42
CA THR B 186 10.23 16.31 -30.24
C THR B 186 9.69 14.90 -29.97
N ILE B 187 10.57 13.91 -29.93
CA ILE B 187 10.15 12.53 -29.69
C ILE B 187 9.52 12.39 -28.31
N VAL B 188 9.96 13.23 -27.38
CA VAL B 188 9.42 13.20 -26.03
C VAL B 188 8.02 13.80 -26.00
N ASP B 189 7.83 14.90 -26.72
CA ASP B 189 6.52 15.52 -26.86
C ASP B 189 5.52 14.53 -27.43
N ARG B 190 5.93 13.77 -28.45
CA ARG B 190 5.07 12.77 -29.07
C ARG B 190 4.69 11.66 -28.10
N PHE B 191 5.69 11.12 -27.43
CA PHE B 191 5.49 10.03 -26.49
C PHE B 191 4.48 10.37 -25.40
N THR B 192 4.75 11.45 -24.66
CA THR B 192 3.84 11.90 -23.59
C THR B 192 2.41 12.01 -24.07
N THR B 193 2.25 12.69 -25.22
CA THR B 193 0.95 12.95 -25.83
C THR B 193 0.23 11.66 -26.24
N GLU B 194 0.88 10.86 -27.06
CA GLU B 194 0.30 9.60 -27.47
C GLU B 194 0.08 8.67 -26.28
N PHE B 195 0.93 8.77 -25.26
CA PHE B 195 0.74 7.92 -24.10
C PHE B 195 -0.53 8.28 -23.36
N TRP B 196 -0.75 9.56 -23.12
CA TRP B 196 -1.95 9.99 -22.42
C TRP B 196 -3.20 9.57 -23.19
N ARG B 197 -3.15 9.67 -24.52
CA ARG B 197 -4.27 9.26 -25.34
C ARG B 197 -4.51 7.76 -25.20
N PHE B 198 -3.42 7.02 -25.16
CA PHE B 198 -3.49 5.58 -25.05
C PHE B 198 -3.97 5.17 -23.65
N HIS B 199 -3.46 5.85 -22.63
CA HIS B 199 -3.87 5.62 -21.26
C HIS B 199 -5.36 5.92 -21.10
N ASP B 200 -5.77 7.08 -21.63
CA ASP B 200 -7.12 7.59 -21.43
C ASP B 200 -8.19 6.73 -22.10
N ASP B 201 -7.91 6.25 -23.31
CA ASP B 201 -8.87 5.42 -24.05
C ASP B 201 -9.14 4.10 -23.35
N LEU B 202 -8.08 3.38 -23.02
CA LEU B 202 -8.16 2.11 -22.30
C LEU B 202 -8.94 2.27 -21.01
N LYS B 204 -11.00 4.88 -20.17
CA LYS B 204 -12.40 5.25 -20.42
C LYS B 204 -13.19 4.04 -20.91
N GLN B 205 -12.54 3.18 -21.67
CA GLN B 205 -13.20 2.04 -22.27
C GLN B 205 -13.54 0.98 -21.24
N ASN B 206 -12.82 1.01 -20.12
CA ASN B 206 -13.13 0.14 -19.00
C ASN B 206 -13.93 0.86 -17.91
N GLY B 207 -14.48 2.02 -18.27
CA GLY B 207 -15.33 2.77 -17.36
C GLY B 207 -14.62 3.34 -16.15
N LEU B 208 -13.30 3.18 -16.12
CA LEU B 208 -12.49 3.63 -15.00
C LEU B 208 -12.19 5.13 -15.09
N GLU B 210 -13.69 9.25 -16.89
CA GLU B 210 -14.70 10.09 -17.55
C GLU B 210 -14.88 9.78 -19.04
N ALA C 3 3.48 -13.56 15.22
CA ALA C 3 4.85 -13.37 14.76
C ALA C 3 4.85 -12.70 13.39
N THR C 4 6.05 -12.34 12.91
CA THR C 4 6.20 -11.62 11.65
C THR C 4 7.24 -12.25 10.73
N LEU C 5 6.97 -12.16 9.44
CA LEU C 5 7.92 -12.57 8.42
C LEU C 5 8.04 -11.48 7.38
N ARG C 6 9.18 -10.80 7.37
CA ARG C 6 9.48 -9.76 6.41
C ARG C 6 10.44 -10.27 5.33
N ILE C 7 10.04 -10.08 4.08
CA ILE C 7 10.75 -10.58 2.91
C ILE C 7 11.03 -9.44 1.96
N ALA C 8 12.28 -9.33 1.51
CA ALA C 8 12.69 -8.33 0.53
C ALA C 8 13.13 -9.02 -0.72
N ALA C 9 12.75 -8.52 -1.90
CA ALA C 9 13.12 -9.19 -3.16
C ALA C 9 13.09 -8.30 -4.38
N PRO C 11 11.90 -7.28 -8.06
CA PRO C 11 10.70 -7.42 -8.88
C PRO C 11 10.61 -8.76 -9.61
N ALA C 12 11.70 -9.25 -10.19
CA ALA C 12 11.64 -10.47 -10.96
C ALA C 12 11.04 -11.61 -10.13
N LEU C 13 11.32 -11.65 -8.84
CA LEU C 13 10.71 -12.64 -7.96
C LEU C 13 9.51 -12.11 -7.20
N ALA C 14 9.54 -10.83 -6.85
CA ALA C 14 8.53 -10.24 -5.97
C ALA C 14 7.20 -10.01 -6.67
N ASN C 15 7.26 -9.92 -8.00
CA ASN C 15 6.08 -9.66 -8.82
C ASN C 15 5.12 -10.86 -8.87
N GLY C 16 5.67 -12.06 -9.08
CA GLY C 16 4.87 -13.25 -9.28
C GLY C 16 5.22 -14.48 -8.44
N LEU C 17 6.47 -14.90 -8.48
CA LEU C 17 6.87 -16.18 -7.91
C LEU C 17 6.81 -16.27 -6.36
N LEU C 18 7.37 -15.29 -5.69
CA LEU C 18 7.28 -15.21 -4.24
C LEU C 18 5.85 -14.97 -3.76
N PRO C 19 5.09 -14.07 -4.40
CA PRO C 19 3.71 -13.99 -3.90
C PRO C 19 2.91 -15.26 -4.17
N ARG C 20 3.17 -15.93 -5.28
CA ARG C 20 2.50 -17.19 -5.57
C ARG C 20 2.88 -18.25 -4.54
N PHE C 21 4.11 -18.23 -4.05
CA PHE C 21 4.52 -19.18 -3.02
C PHE C 21 3.99 -18.76 -1.67
N LEU C 22 3.97 -17.45 -1.43
CA LEU C 22 3.49 -16.90 -0.18
C LEU C 22 2.05 -17.30 0.05
N ALA C 23 1.25 -17.30 -1.02
CA ALA C 23 -0.13 -17.75 -0.88
C ALA C 23 -0.18 -19.17 -0.37
N GLN C 24 0.70 -20.03 -0.88
CA GLN C 24 0.75 -21.41 -0.40
C GLN C 24 1.21 -21.47 1.05
N PHE C 25 2.26 -20.73 1.34
CA PHE C 25 2.85 -20.74 2.66
C PHE C 25 1.89 -20.30 3.76
N ILE C 26 1.08 -19.27 3.52
CA ILE C 26 0.25 -18.79 4.62
C ILE C 26 -1.10 -19.50 4.70
N ARG C 27 -1.33 -20.41 3.77
CA ARG C 27 -2.62 -21.06 3.64
C ARG C 27 -3.07 -21.75 4.91
N ASP C 28 -2.16 -22.37 5.63
CA ASP C 28 -2.52 -22.97 6.91
C ASP C 28 -1.84 -22.25 8.06
N ARG C 29 -1.34 -21.04 7.79
CA ARG C 29 -0.66 -20.28 8.83
C ARG C 29 -1.36 -18.96 9.07
N PRO C 30 -2.63 -19.01 9.47
CA PRO C 30 -3.47 -17.81 9.56
C PRO C 30 -2.83 -16.72 10.39
N ASN C 31 -2.28 -17.11 11.54
CA ASN C 31 -1.74 -16.15 12.50
C ASN C 31 -0.54 -15.36 12.01
N LEU C 32 -0.01 -15.74 10.85
CA LEU C 32 1.23 -15.14 10.39
C LEU C 32 1.01 -13.77 9.75
N GLN C 33 1.76 -12.79 10.22
CA GLN C 33 1.80 -11.46 9.61
C GLN C 33 3.03 -11.34 8.69
N VAL C 34 2.80 -11.09 7.41
CA VAL C 34 3.88 -11.15 6.41
C VAL C 34 4.07 -9.87 5.59
N SER C 35 5.34 -9.54 5.33
CA SER C 35 5.70 -8.41 4.51
C SER C 35 6.51 -8.91 3.32
N LEU C 36 6.20 -8.40 2.14
CA LEU C 36 6.91 -8.77 0.91
C LEU C 36 7.15 -7.50 0.11
N GLY C 38 9.03 -5.31 -2.72
CA GLY C 38 9.80 -5.31 -3.95
C GLY C 38 10.82 -4.19 -3.93
N LEU C 39 12.10 -4.52 -4.15
CA LEU C 39 13.20 -3.54 -4.09
C LEU C 39 14.31 -3.92 -5.05
N PRO C 40 15.12 -2.93 -5.50
CA PRO C 40 16.34 -3.27 -6.24
C PRO C 40 17.23 -4.18 -5.41
N SER C 41 17.93 -5.14 -6.04
CA SER C 41 18.76 -6.08 -5.32
C SER C 41 19.66 -5.41 -4.28
N SER C 42 20.31 -4.31 -4.66
CA SER C 42 21.19 -3.58 -3.76
C SER C 42 20.42 -3.12 -2.52
N VAL C 44 17.83 -4.48 -1.48
CA VAL C 44 17.45 -5.69 -0.76
C VAL C 44 18.56 -6.03 0.22
N GLU C 46 20.76 -3.95 1.54
CA GLU C 46 20.72 -2.92 2.58
C GLU C 46 19.57 -3.15 3.55
N ALA C 47 18.47 -3.74 3.05
CA ALA C 47 17.34 -4.09 3.90
C ALA C 47 17.68 -5.22 4.89
N VAL C 48 18.29 -6.29 4.40
CA VAL C 48 18.62 -7.44 5.22
C VAL C 48 19.64 -7.05 6.29
N ALA C 49 20.64 -6.29 5.85
CA ALA C 49 21.72 -5.87 6.73
C ALA C 49 21.22 -5.00 7.88
N SER C 50 20.03 -4.41 7.70
CA SER C 50 19.45 -3.45 8.62
C SER C 50 18.46 -4.09 9.59
N GLY C 51 18.06 -5.32 9.28
CA GLY C 51 17.05 -5.98 10.08
C GLY C 51 15.64 -5.61 9.63
N ARG C 52 15.54 -4.61 8.77
CA ARG C 52 14.25 -4.23 8.22
C ARG C 52 13.61 -5.38 7.43
N ALA C 53 14.41 -6.40 7.12
CA ALA C 53 13.90 -7.62 6.50
C ALA C 53 14.61 -8.87 7.01
N ASP C 54 13.87 -9.97 7.11
CA ASP C 54 14.43 -11.20 7.62
C ASP C 54 15.01 -12.11 6.52
N ILE C 55 14.45 -12.06 5.31
CA ILE C 55 14.99 -12.80 4.17
C ILE C 55 15.04 -11.90 2.95
N GLY C 56 16.12 -11.96 2.18
CA GLY C 56 16.17 -11.20 0.94
C GLY C 56 16.39 -12.09 -0.28
N TYR C 57 15.89 -11.64 -1.43
CA TYR C 57 16.21 -12.33 -2.68
C TYR C 57 16.74 -11.29 -3.63
N ALA C 58 17.94 -11.54 -4.17
CA ALA C 58 18.66 -10.56 -4.97
C ALA C 58 19.38 -11.18 -6.16
N ASP C 59 19.56 -10.37 -7.21
CA ASP C 59 20.24 -10.82 -8.42
C ASP C 59 21.66 -11.20 -8.06
N GLY C 60 22.13 -12.30 -8.64
CA GLY C 60 23.53 -12.66 -8.51
C GLY C 60 24.35 -11.79 -9.42
N PRO C 61 25.52 -11.33 -8.95
CA PRO C 61 26.02 -11.50 -7.57
C PRO C 61 26.02 -10.20 -6.76
N GLN C 62 26.46 -10.28 -5.51
CA GLN C 62 26.62 -9.09 -4.66
C GLN C 62 27.84 -9.27 -3.77
N GLU C 63 28.10 -8.29 -2.92
CA GLU C 63 29.08 -8.45 -1.83
C GLU C 63 28.54 -9.51 -0.87
N ARG C 64 29.43 -10.23 -0.20
CA ARG C 64 28.97 -11.37 0.59
C ARG C 64 29.33 -11.26 2.05
N GLN C 65 29.90 -10.12 2.45
CA GLN C 65 30.53 -10.02 3.76
C GLN C 65 29.59 -10.41 4.89
N GLY C 66 28.55 -9.64 5.14
CA GLY C 66 27.72 -9.88 6.30
C GLY C 66 26.57 -10.87 6.16
N PHE C 67 26.60 -11.74 5.15
CA PHE C 67 25.40 -12.53 4.84
C PHE C 67 25.56 -14.05 4.76
N LEU C 68 24.47 -14.77 5.06
CA LEU C 68 24.38 -16.21 4.81
C LEU C 68 23.65 -16.45 3.48
N ILE C 69 24.35 -17.03 2.50
CA ILE C 69 23.83 -17.07 1.14
C ILE C 69 23.62 -18.47 0.57
N GLU C 70 22.43 -18.70 0.00
CA GLU C 70 22.23 -19.87 -0.85
C GLU C 70 21.92 -19.38 -2.26
N THR C 71 22.22 -20.20 -3.26
CA THR C 71 22.19 -19.76 -4.64
C THR C 71 21.44 -20.74 -5.55
N ARG C 72 20.92 -20.23 -6.66
CA ARG C 72 20.45 -21.08 -7.75
C ARG C 72 20.96 -20.53 -9.05
N SER C 73 21.58 -21.38 -9.85
CA SER C 73 22.00 -21.00 -11.17
C SER C 73 21.19 -21.76 -12.22
N LEU C 74 20.44 -21.03 -13.02
CA LEU C 74 19.68 -21.62 -14.10
C LEU C 74 20.16 -20.98 -15.38
N PRO C 75 19.94 -21.65 -16.50
CA PRO C 75 20.19 -21.06 -17.82
C PRO C 75 19.16 -19.99 -18.16
N ALA C 76 19.56 -18.87 -18.75
CA ALA C 76 18.60 -17.91 -19.28
C ALA C 76 17.82 -18.57 -20.40
N VAL C 77 16.59 -18.13 -20.63
CA VAL C 77 15.82 -18.64 -21.77
C VAL C 77 15.58 -17.53 -22.77
N VAL C 78 15.33 -17.91 -24.02
CA VAL C 78 14.91 -16.96 -25.03
C VAL C 78 13.42 -16.84 -25.00
N ALA C 79 12.93 -15.62 -24.89
CA ALA C 79 11.50 -15.35 -24.86
C ALA C 79 11.11 -14.78 -26.19
N VAL C 80 10.16 -15.43 -26.87
CA VAL C 80 9.73 -14.98 -28.19
C VAL C 80 8.20 -14.86 -28.28
N PRO C 81 7.72 -13.95 -29.13
CA PRO C 81 6.27 -13.82 -29.34
C PRO C 81 5.62 -15.07 -29.90
N GLY C 83 3.92 -17.56 -32.23
CA GLY C 83 4.01 -17.69 -33.67
C GLY C 83 5.10 -16.85 -34.32
N HIS C 84 6.23 -16.71 -33.64
CA HIS C 84 7.42 -16.08 -34.20
C HIS C 84 8.24 -17.17 -34.91
N ARG C 85 9.07 -16.77 -35.85
CA ARG C 85 9.92 -17.71 -36.58
C ARG C 85 10.71 -18.61 -35.65
N LEU C 86 11.10 -18.04 -34.51
CA LEU C 86 11.96 -18.71 -33.55
C LEU C 86 11.24 -19.78 -32.72
N ALA C 87 9.92 -19.65 -32.57
CA ALA C 87 9.15 -20.63 -31.79
C ALA C 87 9.15 -21.99 -32.47
N GLY C 88 9.41 -22.01 -33.77
CA GLY C 88 9.41 -23.24 -34.53
C GLY C 88 10.64 -24.09 -34.25
N LEU C 89 11.67 -23.47 -33.67
CA LEU C 89 12.95 -24.13 -33.46
C LEU C 89 12.99 -24.89 -32.14
N ASP C 90 13.91 -25.85 -32.04
CA ASP C 90 14.04 -26.69 -30.86
C ASP C 90 15.09 -26.11 -29.91
N ARG C 91 16.02 -25.39 -30.51
CA ARG C 91 16.98 -24.54 -29.79
C ARG C 91 17.11 -23.21 -30.52
N VAL C 92 17.62 -22.21 -29.83
CA VAL C 92 17.91 -20.92 -30.46
C VAL C 92 19.38 -20.67 -30.27
N THR C 93 20.08 -20.41 -31.36
CA THR C 93 21.50 -20.15 -31.33
C THR C 93 21.66 -18.64 -31.37
N PRO C 94 22.87 -18.12 -31.08
CA PRO C 94 23.07 -16.68 -31.26
C PRO C 94 22.78 -16.27 -32.70
N GLN C 95 23.04 -17.16 -33.64
CA GLN C 95 22.87 -16.84 -35.05
C GLN C 95 21.40 -16.70 -35.45
N ASP C 96 20.54 -17.51 -34.83
CA ASP C 96 19.11 -17.44 -35.12
C ASP C 96 18.52 -16.06 -34.79
N LEU C 97 19.29 -15.25 -34.07
CA LEU C 97 18.82 -13.96 -33.56
C LEU C 97 19.11 -12.79 -34.50
N ALA C 98 19.69 -13.07 -35.66
CA ALA C 98 20.06 -12.00 -36.58
C ALA C 98 18.83 -11.30 -37.14
N GLY C 99 18.90 -9.99 -37.27
CA GLY C 99 17.79 -9.21 -37.81
C GLY C 99 16.64 -8.95 -36.84
N GLU C 100 16.65 -9.61 -35.68
CA GLU C 100 15.59 -9.42 -34.70
C GLU C 100 15.94 -8.35 -33.66
N ARG C 101 14.93 -7.70 -33.10
CA ARG C 101 15.18 -6.69 -32.08
C ARG C 101 15.32 -7.31 -30.69
N ILE C 102 16.42 -7.01 -30.02
CA ILE C 102 16.73 -7.63 -28.74
C ILE C 102 16.43 -6.72 -27.57
N ILE C 103 15.70 -7.23 -26.59
CA ILE C 103 15.46 -6.48 -25.36
C ILE C 103 16.52 -6.86 -24.33
N LYS C 104 17.31 -5.87 -23.92
CA LYS C 104 18.50 -6.08 -23.10
C LYS C 104 18.24 -5.66 -21.69
N GLN C 105 18.79 -6.41 -20.73
CA GLN C 105 18.75 -5.98 -19.34
C GLN C 105 19.66 -4.77 -19.17
N GLU C 106 19.88 -4.37 -17.93
CA GLU C 106 20.49 -3.08 -17.67
C GLU C 106 21.99 -3.08 -17.87
N THR C 107 22.47 -2.23 -18.77
CA THR C 107 23.90 -2.17 -19.09
C THR C 107 24.72 -1.88 -17.84
N GLY C 108 25.71 -2.73 -17.58
CA GLY C 108 26.53 -2.55 -16.40
C GLY C 108 26.40 -3.69 -15.41
N THR C 109 25.24 -4.34 -15.43
CA THR C 109 24.99 -5.53 -14.60
C THR C 109 25.63 -6.75 -15.22
N LEU C 110 25.89 -7.76 -14.39
CA LEU C 110 26.57 -8.98 -14.80
C LEU C 110 25.73 -9.87 -15.71
N PHE C 111 24.42 -9.88 -15.50
CA PHE C 111 23.55 -10.69 -16.33
C PHE C 111 23.48 -10.09 -17.73
N ALA C 112 23.33 -8.77 -17.80
CA ALA C 112 23.37 -8.08 -19.08
C ALA C 112 24.72 -8.31 -19.78
N ARG C 114 26.81 -10.93 -19.51
CA ARG C 114 26.77 -12.30 -20.01
C ARG C 114 25.98 -12.37 -21.30
N VAL C 115 24.87 -11.65 -21.37
CA VAL C 115 24.03 -11.72 -22.55
C VAL C 115 24.70 -11.09 -23.74
N GLU C 116 25.37 -9.97 -23.49
CA GLU C 116 26.05 -9.27 -24.56
C GLU C 116 27.27 -10.05 -25.05
N VAL C 117 28.03 -10.60 -24.11
CA VAL C 117 29.17 -11.45 -24.45
C VAL C 117 28.69 -12.68 -25.22
N ALA C 118 27.61 -13.28 -24.74
CA ALA C 118 27.11 -14.52 -25.34
C ALA C 118 26.58 -14.33 -26.75
N ILE C 119 26.24 -13.10 -27.13
CA ILE C 119 25.67 -12.92 -28.46
C ILE C 119 26.58 -12.11 -29.36
N GLY C 120 27.30 -11.15 -28.80
CA GLY C 120 28.26 -10.37 -29.55
C GLY C 120 27.63 -9.77 -30.79
N GLY C 121 28.20 -10.07 -31.96
CA GLY C 121 27.63 -9.63 -33.22
C GLY C 121 26.56 -10.57 -33.73
N ARG C 125 21.49 -3.73 -34.95
CA ARG C 125 20.15 -3.28 -34.58
C ARG C 125 20.23 -2.32 -33.41
N PRO C 126 19.42 -1.24 -33.45
CA PRO C 126 19.13 -0.49 -32.22
C PRO C 126 18.19 -1.30 -31.33
N SER C 127 18.59 -1.45 -30.08
CA SER C 127 17.92 -2.36 -29.15
C SER C 127 17.04 -1.59 -28.16
N ILE C 128 16.39 -2.32 -27.25
CA ILE C 128 15.64 -1.71 -26.17
C ILE C 128 16.25 -2.13 -24.84
N GLU C 129 16.61 -1.15 -24.01
CA GLU C 129 17.16 -1.42 -22.68
C GLU C 129 16.07 -1.27 -21.60
N VAL C 130 16.10 -2.17 -20.62
CA VAL C 130 15.15 -2.18 -19.51
C VAL C 130 15.88 -2.62 -18.24
N SER C 131 15.26 -2.42 -17.09
CA SER C 131 15.89 -2.84 -15.84
C SER C 131 15.14 -3.98 -15.21
N LEU C 132 13.84 -4.08 -15.49
CA LEU C 132 12.98 -5.11 -14.92
C LEU C 132 12.75 -6.26 -15.90
N SER C 133 12.94 -7.48 -15.44
CA SER C 133 12.60 -8.64 -16.25
C SER C 133 11.17 -8.57 -16.73
N HIS C 134 10.25 -8.13 -15.88
CA HIS C 134 8.86 -8.13 -16.30
C HIS C 134 8.58 -7.12 -17.40
N THR C 135 9.37 -6.06 -17.48
CA THR C 135 9.23 -5.07 -18.55
C THR C 135 9.63 -5.70 -19.88
N ALA C 136 10.68 -6.50 -19.85
CA ALA C 136 11.15 -7.21 -21.03
C ALA C 136 10.14 -8.24 -21.49
N LEU C 137 9.59 -9.01 -20.56
CA LEU C 137 8.68 -10.07 -20.94
C LEU C 137 7.42 -9.49 -21.55
N SER C 138 6.94 -8.39 -20.99
CA SER C 138 5.81 -7.67 -21.57
C SER C 138 6.09 -7.21 -22.98
N LEU C 139 7.31 -6.76 -23.25
CA LEU C 139 7.64 -6.22 -24.56
C LEU C 139 7.61 -7.33 -25.60
N VAL C 140 8.08 -8.51 -25.20
CA VAL C 140 8.02 -9.68 -26.03
C VAL C 140 6.59 -10.08 -26.31
N ARG C 141 5.77 -10.02 -25.27
CA ARG C 141 4.38 -10.40 -25.37
C ARG C 141 3.66 -9.57 -26.43
N GLU C 142 4.09 -8.32 -26.63
CA GLU C 142 3.41 -7.45 -27.60
C GLU C 142 4.03 -7.53 -29.00
N GLY C 143 5.12 -8.29 -29.12
CA GLY C 143 5.79 -8.47 -30.41
C GLY C 143 6.80 -7.37 -30.64
N ALA C 144 7.24 -6.71 -29.58
CA ALA C 144 8.20 -5.61 -29.76
C ALA C 144 9.63 -6.13 -29.89
N GLY C 145 9.85 -7.43 -29.68
CA GLY C 145 11.19 -7.98 -29.79
C GLY C 145 11.36 -9.32 -29.11
N ILE C 146 12.59 -9.82 -29.04
CA ILE C 146 12.86 -11.03 -28.26
C ILE C 146 13.83 -10.71 -27.13
N ALA C 147 13.73 -11.44 -26.02
CA ALA C 147 14.67 -11.24 -24.92
C ALA C 147 15.30 -12.55 -24.44
N ILE C 148 16.56 -12.46 -24.05
CA ILE C 148 17.18 -13.55 -23.34
C ILE C 148 17.07 -13.24 -21.86
N ILE C 149 16.24 -14.01 -21.17
CA ILE C 149 15.78 -13.63 -19.86
C ILE C 149 15.87 -14.76 -18.83
N ASP C 150 15.85 -14.37 -17.56
CA ASP C 150 15.83 -15.35 -16.49
C ASP C 150 14.46 -16.04 -16.46
N PRO C 151 14.48 -17.34 -16.20
CA PRO C 151 13.29 -18.17 -16.38
C PRO C 151 12.27 -18.00 -15.26
N ALA C 152 12.67 -17.42 -14.12
CA ALA C 152 11.74 -17.31 -13.00
C ALA C 152 10.54 -16.48 -13.41
N ALA C 153 10.80 -15.26 -13.84
CA ALA C 153 9.74 -14.38 -14.27
C ALA C 153 9.03 -14.95 -15.49
N ALA C 154 9.80 -15.56 -16.39
CA ALA C 154 9.33 -15.91 -17.72
C ALA C 154 8.11 -16.82 -17.69
N ILE C 155 8.00 -17.60 -16.62
CA ILE C 155 6.92 -18.57 -16.45
C ILE C 155 5.52 -17.93 -16.42
N GLU C 156 5.43 -16.70 -15.89
CA GLU C 156 4.16 -16.00 -15.77
C GLU C 156 3.54 -15.68 -17.13
N PHE C 157 4.35 -15.74 -18.18
CA PHE C 157 3.95 -15.19 -19.46
C PHE C 157 3.63 -16.25 -20.50
N THR C 158 3.78 -17.52 -20.12
CA THR C 158 3.85 -18.60 -21.09
C THR C 158 2.61 -18.78 -21.96
N ASP C 159 1.55 -18.02 -21.67
CA ASP C 159 0.33 -18.08 -22.46
C ASP C 159 0.40 -17.31 -23.77
N ARG C 160 1.14 -16.21 -23.80
CA ARG C 160 1.23 -15.47 -25.05
C ARG C 160 2.66 -15.34 -25.52
N ILE C 161 3.59 -15.99 -24.86
CA ILE C 161 4.97 -16.08 -25.36
C ILE C 161 5.49 -17.51 -25.31
N VAL C 162 6.55 -17.74 -26.08
CA VAL C 162 7.14 -19.05 -26.16
C VAL C 162 8.55 -18.99 -25.60
N LEU C 163 8.88 -19.98 -24.78
CA LEU C 163 10.18 -20.07 -24.17
C LEU C 163 10.97 -21.13 -24.90
N ARG C 164 12.20 -20.84 -25.28
CA ARG C 164 13.06 -21.83 -25.93
C ARG C 164 14.44 -21.83 -25.27
N PRO C 165 15.11 -22.99 -25.28
CA PRO C 165 16.46 -23.02 -24.71
C PRO C 165 17.45 -22.28 -25.61
N PHE C 166 18.51 -21.74 -25.02
CA PHE C 166 19.56 -21.03 -25.74
C PHE C 166 20.80 -21.91 -25.81
N SER C 167 21.57 -21.78 -26.89
CA SER C 167 22.71 -22.67 -27.16
C SER C 167 24.00 -22.25 -26.45
N ILE C 168 23.93 -21.17 -25.68
CA ILE C 168 25.05 -20.74 -24.85
C ILE C 168 24.55 -20.60 -23.44
N PHE C 169 25.26 -21.17 -22.47
CA PHE C 169 24.83 -21.06 -21.09
C PHE C 169 25.03 -19.65 -20.56
N ILE C 170 23.93 -19.04 -20.16
CA ILE C 170 23.93 -17.74 -19.52
C ILE C 170 23.32 -17.89 -18.12
N ASP C 171 24.15 -17.69 -17.12
CA ASP C 171 23.78 -17.89 -15.74
C ASP C 171 22.76 -16.86 -15.25
N ALA C 172 21.54 -17.29 -14.98
CA ALA C 172 20.57 -16.39 -14.37
C ALA C 172 20.53 -16.68 -12.88
N GLU C 173 21.53 -16.20 -12.17
CA GLU C 173 21.68 -16.54 -10.77
C GLU C 173 20.97 -15.54 -9.87
N PHE C 174 20.25 -16.05 -8.88
CA PHE C 174 19.80 -15.18 -7.81
C PHE C 174 20.07 -15.78 -6.45
N LEU C 175 20.13 -14.92 -5.45
CA LEU C 175 20.60 -15.32 -4.14
C LEU C 175 19.49 -15.33 -3.12
N GLU C 176 19.57 -16.25 -2.17
CA GLU C 176 18.76 -16.20 -0.97
C GLU C 176 19.63 -15.69 0.17
N VAL C 177 19.28 -14.53 0.70
CA VAL C 177 20.19 -13.83 1.59
C VAL C 177 19.65 -13.66 3.01
N ARG C 178 20.49 -13.98 3.99
N ARG C 178 20.48 -13.98 3.99
CA ARG C 178 20.17 -13.77 5.40
CA ARG C 178 20.15 -13.75 5.40
C ARG C 178 21.31 -13.03 6.08
C ARG C 178 21.32 -13.05 6.10
N SER C 179 21.02 -12.36 7.19
CA SER C 179 22.09 -11.76 7.97
C SER C 179 22.90 -12.85 8.66
N ALA C 180 24.20 -12.63 8.78
CA ALA C 180 25.07 -13.55 9.48
C ALA C 180 24.88 -13.43 10.99
N ILE C 181 24.05 -12.47 11.41
CA ILE C 181 23.97 -12.06 12.81
C ILE C 181 22.52 -12.04 13.35
N GLY C 182 21.67 -12.90 12.82
CA GLY C 182 20.29 -12.96 13.29
C GLY C 182 19.86 -14.39 13.56
N ALA C 183 19.60 -14.71 14.83
CA ALA C 183 19.31 -16.08 15.26
C ALA C 183 18.15 -16.66 14.46
N PRO C 184 18.39 -17.81 13.81
CA PRO C 184 17.50 -18.35 12.77
C PRO C 184 16.09 -18.65 13.26
N SER C 185 15.16 -17.81 12.84
CA SER C 185 13.76 -18.10 13.04
C SER C 185 13.44 -19.39 12.33
N THR C 186 12.86 -20.33 13.06
CA THR C 186 12.33 -21.54 12.45
C THR C 186 11.38 -21.25 11.27
N ILE C 187 10.66 -20.14 11.33
CA ILE C 187 9.70 -19.85 10.27
C ILE C 187 10.46 -19.39 9.01
N VAL C 188 11.58 -18.69 9.22
CA VAL C 188 12.45 -18.28 8.13
C VAL C 188 13.08 -19.52 7.54
N ASP C 189 13.50 -20.39 8.44
CA ASP C 189 14.10 -21.66 8.08
C ASP C 189 13.16 -22.49 7.20
N ARG C 190 11.87 -22.48 7.50
CA ARG C 190 10.92 -23.25 6.74
C ARG C 190 10.48 -22.53 5.47
N PHE C 191 10.45 -21.20 5.50
CA PHE C 191 10.09 -20.44 4.32
C PHE C 191 11.13 -20.67 3.24
N THR C 192 12.39 -20.43 3.59
CA THR C 192 13.51 -20.66 2.68
C THR C 192 13.54 -22.06 2.08
N THR C 193 13.32 -23.06 2.94
CA THR C 193 13.38 -24.46 2.50
C THR C 193 12.28 -24.77 1.50
N GLU C 194 11.05 -24.50 1.91
CA GLU C 194 9.88 -24.85 1.12
C GLU C 194 9.86 -24.03 -0.15
N PHE C 195 10.41 -22.83 -0.07
CA PHE C 195 10.48 -22.00 -1.26
C PHE C 195 11.36 -22.66 -2.32
N TRP C 196 12.56 -23.09 -1.91
CA TRP C 196 13.47 -23.76 -2.82
C TRP C 196 12.81 -24.95 -3.47
N ARG C 197 12.09 -25.74 -2.67
CA ARG C 197 11.36 -26.89 -3.17
C ARG C 197 10.36 -26.44 -4.21
N PHE C 198 9.58 -25.43 -3.84
CA PHE C 198 8.58 -24.86 -4.73
C PHE C 198 9.16 -24.32 -6.04
N HIS C 199 10.27 -23.57 -5.94
CA HIS C 199 11.00 -23.07 -7.09
C HIS C 199 11.44 -24.22 -7.98
N ASP C 200 12.16 -25.15 -7.38
CA ASP C 200 12.82 -26.20 -8.15
C ASP C 200 11.83 -27.08 -8.88
N ASP C 201 10.72 -27.42 -8.25
CA ASP C 201 9.77 -28.31 -8.91
C ASP C 201 8.90 -27.52 -9.88
N LEU C 202 9.01 -26.20 -9.84
CA LEU C 202 8.32 -25.35 -10.80
C LEU C 202 9.16 -25.21 -12.05
N LYS C 204 11.42 -27.36 -13.00
CA LYS C 204 11.46 -28.69 -13.61
C LYS C 204 10.16 -29.08 -14.31
N GLN C 205 9.02 -28.76 -13.71
CA GLN C 205 7.73 -29.06 -14.34
C GLN C 205 7.54 -28.22 -15.61
N ASN C 206 8.30 -27.14 -15.73
CA ASN C 206 8.30 -26.36 -16.97
C ASN C 206 9.52 -26.66 -17.82
N GLY C 207 10.33 -27.62 -17.38
CA GLY C 207 11.50 -28.05 -18.12
C GLY C 207 12.65 -27.06 -18.18
N LEU C 208 12.65 -26.09 -17.28
CA LEU C 208 13.69 -25.08 -17.29
C LEU C 208 14.79 -25.44 -16.31
#